data_2NTN
#
_entry.id   2NTN
#
_cell.length_a   81.613
_cell.length_b   117.285
_cell.length_c   52.272
_cell.angle_alpha   90.00
_cell.angle_beta   121.90
_cell.angle_gamma   90.00
#
_symmetry.space_group_name_H-M   'C 1 2 1'
#
loop_
_entity.id
_entity.type
_entity.pdbx_description
1 polymer '3-oxoacyl-[acyl-carrier-protein] reductase'
2 water water
#
_entity_poly.entity_id   1
_entity_poly.type   'polypeptide(L)'
_entity_poly.pdbx_seq_one_letter_code
;MGSSHHHHHHSSGLVPRGSHMTATATEGAKPPFVSRSVLVTGGNRGIGLAIAQRLAADGHKVAVTHRGSGAPKGLFGVEV
DVTDSDAVDRAFTAVEEHQGPVEVLVSNAGLSADAFLMRMTEEKFEKVINANLTGAFRVAQRASRSMQRNKFGRMIFIAS
VSGLWGIGNQANYAASKAGVIGMARSIARELSKANVTANVVAPGYIDTDMTRALDERIQQGALQFIPAKRVGTPAEVAGV
VSFLASEDASYISGAVIPVDGGMGMGH
;
_entity_poly.pdbx_strand_id   A,B
#
# COMPACT_ATOMS: atom_id res chain seq x y z
N ALA A 29 -5.27 -17.36 -4.28
CA ALA A 29 -6.55 -17.07 -4.99
C ALA A 29 -6.63 -15.60 -5.45
N LYS A 30 -5.92 -15.31 -6.54
CA LYS A 30 -5.85 -13.97 -7.09
C LYS A 30 -7.06 -13.64 -7.96
N PRO A 31 -7.66 -12.47 -7.74
CA PRO A 31 -8.80 -12.01 -8.55
C PRO A 31 -8.42 -11.76 -10.01
N PRO A 32 -9.20 -12.30 -10.95
CA PRO A 32 -8.91 -12.09 -12.37
C PRO A 32 -8.82 -10.60 -12.72
N PHE A 33 -7.91 -10.26 -13.63
CA PHE A 33 -7.66 -8.88 -14.06
C PHE A 33 -8.89 -8.32 -14.76
N VAL A 34 -9.19 -7.06 -14.49
CA VAL A 34 -10.22 -6.33 -15.24
C VAL A 34 -9.58 -5.06 -15.78
N SER A 35 -9.68 -4.89 -17.10
CA SER A 35 -9.11 -3.74 -17.79
C SER A 35 -9.97 -2.53 -17.58
N ARG A 36 -9.47 -1.57 -16.83
CA ARG A 36 -10.24 -0.38 -16.41
C ARG A 36 -10.03 0.82 -17.33
N SER A 37 -11.08 1.64 -17.46
CA SER A 37 -10.89 2.96 -18.02
C SER A 37 -10.16 3.87 -17.00
N VAL A 38 -8.96 4.27 -17.36
CA VAL A 38 -8.06 4.99 -16.45
C VAL A 38 -7.79 6.39 -16.97
N LEU A 39 -7.83 7.37 -16.07
CA LEU A 39 -7.36 8.71 -16.41
C LEU A 39 -6.23 9.14 -15.47
N VAL A 40 -5.08 9.49 -16.04
CA VAL A 40 -3.97 10.01 -15.26
C VAL A 40 -3.76 11.50 -15.54
N THR A 41 -4.08 12.36 -14.55
CA THR A 41 -3.79 13.79 -14.72
C THR A 41 -2.28 14.02 -14.62
N GLY A 42 -1.78 14.93 -15.46
CA GLY A 42 -0.34 15.15 -15.60
C GLY A 42 0.40 13.86 -15.88
N GLY A 43 -0.12 13.05 -16.80
CA GLY A 43 0.45 11.74 -17.11
C GLY A 43 1.45 11.68 -18.26
N ASN A 44 1.97 12.84 -18.67
CA ASN A 44 2.94 12.91 -19.77
C ASN A 44 4.40 13.20 -19.36
N ARG A 45 4.64 13.38 -18.07
CA ARG A 45 5.99 13.65 -17.60
C ARG A 45 6.22 13.14 -16.19
N GLY A 46 7.49 12.90 -15.85
CA GLY A 46 7.93 12.56 -14.50
C GLY A 46 7.27 11.33 -13.93
N ILE A 47 6.85 11.44 -12.67
CA ILE A 47 6.11 10.37 -11.98
C ILE A 47 4.77 10.05 -12.66
N GLY A 48 4.11 11.07 -13.23
CA GLY A 48 2.84 10.87 -13.95
C GLY A 48 2.93 9.91 -15.12
N LEU A 49 3.98 10.08 -15.92
CA LEU A 49 4.30 9.22 -17.05
C LEU A 49 4.60 7.77 -16.64
N ALA A 50 5.50 7.59 -15.68
CA ALA A 50 5.77 6.29 -15.05
C ALA A 50 4.48 5.55 -14.68
N ILE A 51 3.60 6.23 -13.96
CA ILE A 51 2.28 5.70 -13.60
C ILE A 51 1.46 5.32 -14.84
N ALA A 52 1.34 6.25 -15.78
CA ALA A 52 0.59 6.02 -17.01
C ALA A 52 1.09 4.79 -17.80
N GLN A 53 2.41 4.68 -17.94
CA GLN A 53 3.02 3.58 -18.67
C GLN A 53 2.91 2.23 -17.97
N ARG A 54 3.06 2.24 -16.64
CA ARG A 54 2.82 1.06 -15.80
C ARG A 54 1.39 0.55 -15.92
N LEU A 55 0.43 1.46 -15.76
CA LEU A 55 -0.97 1.07 -15.84
C LEU A 55 -1.35 0.53 -17.22
N ALA A 56 -0.73 1.06 -18.28
CA ALA A 56 -0.94 0.58 -19.64
C ALA A 56 -0.31 -0.80 -19.85
N ALA A 57 0.88 -1.02 -19.27
CA ALA A 57 1.56 -2.34 -19.30
C ALA A 57 0.77 -3.42 -18.54
N ASP A 58 0.07 -3.00 -17.50
CA ASP A 58 -0.83 -3.83 -16.69
C ASP A 58 -1.99 -4.38 -17.50
N GLY A 59 -2.40 -3.62 -18.51
CA GLY A 59 -3.52 -3.99 -19.37
C GLY A 59 -4.75 -3.10 -19.26
N HIS A 60 -4.62 -1.97 -18.56
CA HIS A 60 -5.70 -0.99 -18.48
C HIS A 60 -5.75 -0.15 -19.75
N LYS A 61 -6.86 0.55 -19.93
CA LYS A 61 -7.00 1.55 -21.00
C LYS A 61 -6.69 2.90 -20.37
N VAL A 62 -5.57 3.48 -20.78
CA VAL A 62 -5.00 4.64 -20.07
C VAL A 62 -5.08 5.90 -20.90
N ALA A 63 -5.74 6.92 -20.36
CA ALA A 63 -5.71 8.25 -20.93
C ALA A 63 -4.91 9.18 -20.02
N VAL A 64 -4.34 10.24 -20.60
CA VAL A 64 -3.60 11.24 -19.81
C VAL A 64 -4.00 12.68 -20.12
N THR A 65 -3.97 13.54 -19.11
CA THR A 65 -4.07 14.97 -19.34
C THR A 65 -2.66 15.60 -19.45
N HIS A 66 -2.57 16.69 -20.22
CA HIS A 66 -1.34 17.43 -20.40
C HIS A 66 -1.64 18.91 -20.53
N ARG A 67 -0.61 19.74 -20.65
CA ARG A 67 -0.78 21.19 -20.69
C ARG A 67 -0.64 21.76 -22.09
N GLY A 68 -0.61 20.86 -23.08
CA GLY A 68 -0.43 21.23 -24.47
C GLY A 68 0.67 20.47 -25.18
N SER A 69 1.66 19.97 -24.42
CA SER A 69 2.87 19.37 -25.01
C SER A 69 2.67 18.02 -25.73
N GLY A 70 1.52 17.39 -25.49
CA GLY A 70 1.18 16.13 -26.14
C GLY A 70 1.37 14.93 -25.24
N ALA A 71 0.44 13.98 -25.35
CA ALA A 71 0.53 12.69 -24.68
C ALA A 71 1.61 11.83 -25.34
N PRO A 72 2.35 11.03 -24.56
CA PRO A 72 3.39 10.19 -25.12
C PRO A 72 2.78 9.15 -26.05
N LYS A 73 3.47 8.88 -27.18
CA LYS A 73 3.04 7.89 -28.16
C LYS A 73 2.44 6.67 -27.49
N GLY A 74 1.35 6.17 -28.07
CA GLY A 74 0.64 5.04 -27.53
C GLY A 74 -0.67 5.49 -26.91
N LEU A 75 -0.58 6.47 -26.01
CA LEU A 75 -1.66 6.82 -25.08
C LEU A 75 -2.54 7.96 -25.55
N PHE A 76 -3.76 7.97 -25.02
CA PHE A 76 -4.77 8.98 -25.35
C PHE A 76 -4.58 10.22 -24.49
N GLY A 77 -4.47 11.38 -25.14
CA GLY A 77 -4.22 12.62 -24.43
C GLY A 77 -5.34 13.61 -24.55
N VAL A 78 -5.65 14.28 -23.43
CA VAL A 78 -6.49 15.49 -23.44
C VAL A 78 -5.77 16.67 -22.78
N GLU A 79 -5.95 17.86 -23.33
CA GLU A 79 -5.39 19.08 -22.75
C GLU A 79 -6.34 19.60 -21.68
N VAL A 80 -5.81 19.82 -20.48
CA VAL A 80 -6.60 20.17 -19.31
C VAL A 80 -5.80 21.03 -18.34
N ASP A 81 -6.29 22.24 -18.08
CA ASP A 81 -5.83 23.06 -16.97
C ASP A 81 -6.78 22.75 -15.83
N VAL A 82 -6.31 22.06 -14.78
CA VAL A 82 -7.19 21.60 -13.69
C VAL A 82 -7.75 22.74 -12.82
N THR A 83 -7.27 23.95 -13.10
CA THR A 83 -7.78 25.19 -12.54
C THR A 83 -9.14 25.57 -13.14
N ASP A 84 -9.46 24.94 -14.28
CA ASP A 84 -10.61 25.31 -15.12
C ASP A 84 -11.65 24.19 -15.15
N SER A 85 -12.81 24.42 -14.53
CA SER A 85 -13.84 23.37 -14.37
C SER A 85 -14.45 22.88 -15.69
N ASP A 86 -14.49 23.77 -16.68
CA ASP A 86 -15.03 23.46 -17.99
C ASP A 86 -14.08 22.60 -18.81
N ALA A 87 -12.78 22.84 -18.64
CA ALA A 87 -11.72 22.08 -19.30
C ALA A 87 -11.70 20.64 -18.77
N VAL A 88 -11.95 20.50 -17.47
CA VAL A 88 -12.04 19.20 -16.79
C VAL A 88 -13.25 18.43 -17.30
N ASP A 89 -14.39 19.10 -17.33
CA ASP A 89 -15.62 18.54 -17.87
C ASP A 89 -15.46 18.01 -19.31
N ARG A 90 -14.88 18.83 -20.20
CA ARG A 90 -14.67 18.45 -21.60
C ARG A 90 -13.67 17.31 -21.74
N ALA A 91 -12.72 17.24 -20.81
CA ALA A 91 -11.66 16.24 -20.86
C ALA A 91 -12.24 14.87 -20.54
N PHE A 92 -13.00 14.80 -19.46
CA PHE A 92 -13.65 13.56 -19.04
C PHE A 92 -14.56 13.03 -20.12
N THR A 93 -15.23 13.93 -20.83
CA THR A 93 -16.17 13.60 -21.90
C THR A 93 -15.47 13.03 -23.13
N ALA A 94 -14.33 13.61 -23.51
CA ALA A 94 -13.55 13.08 -24.63
C ALA A 94 -13.02 11.68 -24.31
N VAL A 95 -12.53 11.49 -23.07
CA VAL A 95 -12.09 10.20 -22.56
C VAL A 95 -13.22 9.16 -22.57
N GLU A 96 -14.38 9.53 -22.04
CA GLU A 96 -15.59 8.69 -22.03
C GLU A 96 -15.94 8.17 -23.42
N GLU A 97 -15.94 9.06 -24.41
CA GLU A 97 -16.24 8.70 -25.81
C GLU A 97 -15.14 7.81 -26.40
N HIS A 98 -13.90 8.06 -25.98
CA HIS A 98 -12.77 7.33 -26.53
C HIS A 98 -12.68 5.88 -26.03
N GLN A 99 -12.85 5.68 -24.73
CA GLN A 99 -12.53 4.40 -24.07
C GLN A 99 -13.50 3.98 -22.96
N GLY A 100 -14.63 4.70 -22.84
CA GLY A 100 -15.60 4.44 -21.77
C GLY A 100 -15.38 5.31 -20.53
N PRO A 101 -16.42 5.41 -19.70
CA PRO A 101 -16.38 6.27 -18.49
C PRO A 101 -15.18 5.96 -17.58
N VAL A 102 -14.62 7.01 -16.97
CA VAL A 102 -13.47 6.87 -16.08
C VAL A 102 -13.84 6.05 -14.83
N GLU A 103 -13.15 4.90 -14.69
CA GLU A 103 -13.31 3.98 -13.55
C GLU A 103 -12.21 4.18 -12.51
N VAL A 104 -11.01 4.50 -13.00
CA VAL A 104 -9.83 4.71 -12.17
C VAL A 104 -9.29 6.11 -12.46
N LEU A 105 -9.30 6.97 -11.45
CA LEU A 105 -8.80 8.34 -11.57
C LEU A 105 -7.50 8.50 -10.77
N VAL A 106 -6.40 8.75 -11.49
CA VAL A 106 -5.13 9.10 -10.83
C VAL A 106 -4.89 10.62 -10.95
N SER A 107 -5.00 11.30 -9.83
CA SER A 107 -4.83 12.74 -9.77
C SER A 107 -3.40 13.09 -9.31
N ASN A 108 -2.59 13.59 -10.23
CA ASN A 108 -1.26 14.09 -9.90
C ASN A 108 -1.30 15.59 -9.65
N ALA A 109 -0.53 16.08 -8.68
CA ALA A 109 -0.26 17.50 -8.57
C ALA A 109 0.09 17.92 -10.01
N GLY A 110 -0.55 18.98 -10.54
CA GLY A 110 -0.63 20.27 -9.86
C GLY A 110 0.74 20.94 -10.05
N LEU A 111 1.03 21.92 -9.22
CA LEU A 111 2.24 22.72 -9.33
C LEU A 111 3.35 22.13 -8.47
N MET A 120 6.83 33.74 0.86
CA MET A 120 5.45 33.28 0.66
C MET A 120 4.50 34.47 0.64
N THR A 121 3.65 34.50 -0.38
CA THR A 121 2.67 35.57 -0.59
C THR A 121 1.27 35.00 -0.80
N GLU A 122 0.27 35.88 -0.80
CA GLU A 122 -1.12 35.48 -1.00
C GLU A 122 -1.32 34.84 -2.37
N GLU A 123 -0.78 35.48 -3.41
CA GLU A 123 -0.88 34.99 -4.80
C GLU A 123 -0.27 33.59 -4.99
N LYS A 124 0.95 33.41 -4.50
CA LYS A 124 1.63 32.10 -4.53
C LYS A 124 0.86 31.05 -3.73
N PHE A 125 0.29 31.45 -2.59
CA PHE A 125 -0.47 30.53 -1.74
C PHE A 125 -1.78 30.07 -2.39
N GLU A 126 -2.54 31.01 -2.96
CA GLU A 126 -3.79 30.70 -3.64
C GLU A 126 -3.61 29.93 -4.97
N LYS A 127 -2.50 30.21 -5.67
CA LYS A 127 -2.14 29.47 -6.88
C LYS A 127 -1.88 27.98 -6.65
N VAL A 128 -1.15 27.66 -5.59
CA VAL A 128 -0.85 26.26 -5.29
C VAL A 128 -2.13 25.56 -4.77
N ILE A 129 -2.89 26.27 -3.94
CA ILE A 129 -4.17 25.76 -3.43
C ILE A 129 -5.16 25.47 -4.56
N ASN A 130 -5.21 26.36 -5.54
CA ASN A 130 -6.12 26.21 -6.68
C ASN A 130 -5.74 25.01 -7.55
N ALA A 131 -4.47 24.91 -7.92
CA ALA A 131 -4.00 23.79 -8.74
C ALA A 131 -4.04 22.45 -7.98
N ASN A 132 -3.49 22.43 -6.77
CA ASN A 132 -3.24 21.19 -6.03
C ASN A 132 -4.37 20.67 -5.17
N LEU A 133 -5.16 21.58 -4.60
CA LEU A 133 -6.28 21.17 -3.74
C LEU A 133 -7.59 21.23 -4.49
N THR A 134 -7.98 22.43 -4.95
CA THR A 134 -9.22 22.60 -5.69
C THR A 134 -9.19 21.86 -7.05
N GLY A 135 -8.01 21.76 -7.64
CA GLY A 135 -7.81 20.97 -8.85
C GLY A 135 -8.10 19.49 -8.63
N ALA A 136 -7.71 18.99 -7.46
CA ALA A 136 -8.02 17.62 -7.05
C ALA A 136 -9.53 17.42 -6.89
N PHE A 137 -10.17 18.40 -6.25
CA PHE A 137 -11.62 18.41 -6.07
C PHE A 137 -12.38 18.40 -7.38
N ARG A 138 -11.95 19.24 -8.33
CA ARG A 138 -12.61 19.38 -9.62
C ARG A 138 -12.66 18.05 -10.35
N VAL A 139 -11.50 17.40 -10.49
CA VAL A 139 -11.43 16.14 -11.20
C VAL A 139 -12.16 15.02 -10.45
N ALA A 140 -12.08 15.02 -9.12
CA ALA A 140 -12.78 14.05 -8.27
C ALA A 140 -14.30 14.17 -8.38
N GLN A 141 -14.80 15.40 -8.44
CA GLN A 141 -16.23 15.67 -8.56
C GLN A 141 -16.81 15.32 -9.94
N ARG A 142 -16.07 15.64 -11.00
CA ARG A 142 -16.42 15.24 -12.37
C ARG A 142 -16.45 13.72 -12.55
N ALA A 143 -15.66 12.99 -11.76
CA ALA A 143 -15.56 11.54 -11.84
C ALA A 143 -16.66 10.81 -11.08
N SER A 144 -17.21 11.47 -10.06
CA SER A 144 -17.95 10.77 -9.01
C SER A 144 -19.32 10.21 -9.39
N ARG A 145 -20.11 10.94 -10.18
CA ARG A 145 -21.46 10.48 -10.55
C ARG A 145 -21.45 9.18 -11.38
N SER A 146 -20.52 9.10 -12.33
CA SER A 146 -20.37 7.91 -13.16
C SER A 146 -19.93 6.69 -12.32
N MET A 147 -18.99 6.91 -11.40
CA MET A 147 -18.50 5.86 -10.51
C MET A 147 -19.58 5.35 -9.56
N GLN A 148 -20.35 6.27 -8.98
CA GLN A 148 -21.49 5.94 -8.14
C GLN A 148 -22.57 5.15 -8.87
N ARG A 149 -22.92 5.58 -10.08
CA ARG A 149 -23.87 4.88 -10.94
C ARG A 149 -23.44 3.45 -11.28
N ASN A 150 -22.17 3.29 -11.57
CA ASN A 150 -21.67 2.00 -12.05
C ASN A 150 -21.23 1.11 -10.91
N LYS A 151 -21.29 1.64 -9.69
CA LYS A 151 -20.83 0.94 -8.50
C LYS A 151 -19.40 0.41 -8.68
N PHE A 152 -18.55 1.24 -9.28
CA PHE A 152 -17.12 1.03 -9.27
C PHE A 152 -16.39 2.35 -9.42
N GLY A 153 -15.39 2.56 -8.58
CA GLY A 153 -14.55 3.73 -8.67
C GLY A 153 -13.30 3.60 -7.82
N ARG A 154 -12.16 3.97 -8.39
CA ARG A 154 -10.92 4.10 -7.63
C ARG A 154 -10.38 5.52 -7.86
N MET A 155 -10.42 6.35 -6.83
CA MET A 155 -9.75 7.64 -6.86
C MET A 155 -8.43 7.51 -6.11
N ILE A 156 -7.33 7.82 -6.79
CA ILE A 156 -6.00 7.71 -6.24
C ILE A 156 -5.36 9.09 -6.38
N PHE A 157 -5.06 9.72 -5.24
CA PHE A 157 -4.46 11.05 -5.21
C PHE A 157 -2.98 10.93 -4.91
N ILE A 158 -2.15 11.51 -5.77
CA ILE A 158 -0.71 11.52 -5.59
C ILE A 158 -0.34 12.86 -4.98
N ALA A 159 0.06 12.83 -3.72
CA ALA A 159 0.46 14.03 -3.00
C ALA A 159 1.76 14.59 -3.55
N SER A 160 1.95 15.90 -3.43
CA SER A 160 3.20 16.50 -3.88
C SER A 160 4.42 15.91 -3.13
N VAL A 161 5.53 15.78 -3.85
CA VAL A 161 6.81 15.42 -3.24
C VAL A 161 7.56 16.68 -2.78
N GLN A 170 7.07 26.82 1.71
CA GLN A 170 6.47 25.50 1.57
C GLN A 170 5.08 25.37 2.23
N ALA A 171 4.63 26.42 2.92
CA ALA A 171 3.32 26.46 3.59
C ALA A 171 2.16 26.09 2.67
N ASN A 172 2.20 26.59 1.45
CA ASN A 172 1.21 26.25 0.42
C ASN A 172 1.18 24.78 0.01
N TYR A 173 2.35 24.17 -0.14
CA TYR A 173 2.42 22.76 -0.54
C TYR A 173 2.00 21.84 0.60
N ALA A 174 2.46 22.13 1.81
CA ALA A 174 2.09 21.39 3.03
C ALA A 174 0.58 21.41 3.26
N ALA A 175 -0.01 22.61 3.17
CA ALA A 175 -1.44 22.85 3.31
C ALA A 175 -2.29 22.13 2.26
N SER A 176 -1.85 22.18 1.00
CA SER A 176 -2.58 21.53 -0.09
C SER A 176 -2.48 20.00 -0.03
N LYS A 177 -1.31 19.49 0.37
CA LYS A 177 -1.15 18.05 0.57
C LYS A 177 -2.05 17.52 1.70
N ALA A 178 -2.04 18.23 2.83
CA ALA A 178 -2.85 17.82 3.98
C ALA A 178 -4.34 17.95 3.65
N GLY A 179 -4.69 19.02 2.93
CA GLY A 179 -6.04 19.22 2.39
C GLY A 179 -6.54 18.12 1.48
N VAL A 180 -5.66 17.59 0.61
CA VAL A 180 -6.07 16.51 -0.32
C VAL A 180 -6.40 15.24 0.47
N ILE A 181 -5.57 14.95 1.47
CA ILE A 181 -5.76 13.82 2.36
C ILE A 181 -7.09 13.94 3.09
N GLY A 182 -7.32 15.09 3.74
CA GLY A 182 -8.60 15.41 4.36
C GLY A 182 -9.81 15.25 3.45
N MET A 183 -9.67 15.73 2.20
CA MET A 183 -10.68 15.58 1.15
C MET A 183 -10.90 14.12 0.75
N ALA A 184 -9.81 13.38 0.54
CA ALA A 184 -9.87 11.98 0.13
C ALA A 184 -10.56 11.12 1.16
N ARG A 185 -10.25 11.36 2.43
CA ARG A 185 -10.88 10.64 3.55
C ARG A 185 -12.37 10.92 3.61
N SER A 186 -12.74 12.14 3.22
CA SER A 186 -14.11 12.59 3.15
C SER A 186 -14.87 11.97 1.96
N ILE A 187 -14.22 11.88 0.79
CA ILE A 187 -14.79 11.16 -0.33
C ILE A 187 -14.98 9.69 0.04
N ALA A 188 -13.94 9.07 0.59
CA ALA A 188 -14.02 7.69 1.10
C ALA A 188 -15.22 7.46 2.01
N ARG A 189 -15.49 8.40 2.91
CA ARG A 189 -16.64 8.28 3.84
C ARG A 189 -17.97 8.23 3.11
N GLU A 190 -18.15 9.11 2.13
CA GLU A 190 -19.40 9.22 1.40
C GLU A 190 -19.60 8.12 0.34
N LEU A 191 -18.54 7.79 -0.41
CA LEU A 191 -18.70 6.97 -1.62
C LEU A 191 -18.40 5.46 -1.51
N SER A 192 -17.72 5.04 -0.43
CA SER A 192 -17.28 3.63 -0.28
C SER A 192 -18.41 2.60 -0.30
N LYS A 193 -19.61 3.00 0.16
CA LYS A 193 -20.79 2.12 0.12
C LYS A 193 -21.24 1.78 -1.31
N ALA A 194 -20.76 2.56 -2.26
CA ALA A 194 -21.04 2.38 -3.68
C ALA A 194 -19.83 1.74 -4.40
N ASN A 195 -18.88 1.24 -3.62
CA ASN A 195 -17.66 0.60 -4.17
C ASN A 195 -16.74 1.64 -4.87
N VAL A 196 -16.80 2.88 -4.40
CA VAL A 196 -15.92 3.94 -4.86
C VAL A 196 -15.01 4.32 -3.70
N THR A 197 -13.74 3.95 -3.83
CA THR A 197 -12.75 4.21 -2.79
C THR A 197 -11.90 5.41 -3.16
N ALA A 198 -11.31 6.03 -2.16
CA ALA A 198 -10.40 7.14 -2.36
C ALA A 198 -9.21 6.91 -1.46
N ASN A 199 -8.04 6.82 -2.05
CA ASN A 199 -6.78 6.60 -1.32
C ASN A 199 -5.71 7.56 -1.79
N VAL A 200 -4.73 7.81 -0.93
CA VAL A 200 -3.65 8.75 -1.24
C VAL A 200 -2.31 8.05 -1.31
N VAL A 201 -1.49 8.47 -2.28
CA VAL A 201 -0.10 8.04 -2.34
C VAL A 201 0.77 9.25 -1.98
N ALA A 202 1.59 9.07 -0.96
CA ALA A 202 2.45 10.13 -0.47
C ALA A 202 3.92 9.81 -0.75
N PRO A 203 4.45 10.28 -1.89
CA PRO A 203 5.84 10.01 -2.29
C PRO A 203 6.83 10.74 -1.39
N GLY A 204 7.94 10.07 -1.05
CA GLY A 204 9.04 10.70 -0.34
C GLY A 204 9.95 11.43 -1.30
N TYR A 205 11.26 11.21 -1.18
CA TYR A 205 12.24 11.71 -2.16
C TYR A 205 12.31 10.80 -3.37
N ILE A 206 11.86 11.30 -4.52
CA ILE A 206 11.86 10.52 -5.75
C ILE A 206 12.70 11.21 -6.81
N ASP A 207 13.48 10.41 -7.54
CA ASP A 207 14.34 10.91 -8.60
C ASP A 207 13.55 11.28 -9.85
N THR A 208 13.27 12.57 -10.01
CA THR A 208 12.69 13.11 -11.25
C THR A 208 13.77 13.78 -12.10
N ASP A 209 13.37 14.37 -13.22
CA ASP A 209 14.27 15.21 -14.03
C ASP A 209 14.67 16.46 -13.26
N MET A 210 13.71 17.02 -12.53
CA MET A 210 13.89 18.25 -11.75
C MET A 210 14.55 18.03 -10.38
N THR A 211 14.39 16.83 -9.82
CA THR A 211 15.07 16.45 -8.56
C THR A 211 16.58 16.51 -8.73
N ARG A 212 17.07 15.97 -9.85
CA ARG A 212 18.49 15.88 -10.16
C ARG A 212 19.17 17.25 -10.22
N ALA A 213 18.35 18.31 -10.24
CA ALA A 213 18.86 19.69 -10.31
C ALA A 213 18.80 20.40 -8.95
N LEU A 214 19.81 20.14 -8.11
CA LEU A 214 19.89 20.65 -6.74
C LEU A 214 21.23 20.27 -6.09
N ASP A 215 21.82 21.20 -5.35
CA ASP A 215 23.09 20.98 -4.67
C ASP A 215 23.01 19.88 -3.60
N GLN A 219 20.55 17.71 -1.49
CA GLN A 219 20.25 16.48 -2.24
C GLN A 219 20.69 15.24 -1.47
N GLN A 220 21.92 15.27 -0.95
CA GLN A 220 22.43 14.18 -0.11
C GLN A 220 22.17 14.45 1.38
N GLY A 221 21.88 15.71 1.71
CA GLY A 221 21.45 16.08 3.07
C GLY A 221 20.07 15.51 3.37
N ALA A 222 19.35 15.12 2.31
CA ALA A 222 18.03 14.51 2.42
C ALA A 222 18.09 13.06 2.90
N LEU A 223 19.23 12.40 2.65
CA LEU A 223 19.40 10.97 2.94
C LEU A 223 19.55 10.63 4.44
N GLN A 224 19.90 11.63 5.25
CA GLN A 224 19.94 11.48 6.72
C GLN A 224 18.55 11.22 7.28
N PHE A 225 17.53 11.69 6.57
CA PHE A 225 16.15 11.61 7.04
C PHE A 225 15.42 10.41 6.44
N ILE A 226 16.13 9.63 5.65
CA ILE A 226 15.55 8.47 4.97
C ILE A 226 16.24 7.21 5.51
N PRO A 227 15.49 6.40 6.26
CA PRO A 227 16.01 5.12 6.73
C PRO A 227 16.55 4.22 5.62
N ALA A 228 15.92 4.21 4.45
CA ALA A 228 16.40 3.42 3.30
C ALA A 228 17.75 3.89 2.73
N LYS A 229 18.14 5.11 3.10
CA LYS A 229 19.44 5.72 2.75
C LYS A 229 19.63 5.87 1.23
N ARG A 230 18.52 6.00 0.52
CA ARG A 230 18.54 6.19 -0.93
C ARG A 230 17.27 6.89 -1.40
N VAL A 231 17.36 7.52 -2.56
CA VAL A 231 16.24 8.13 -3.25
C VAL A 231 15.40 7.00 -3.86
N GLY A 232 14.10 7.25 -4.04
CA GLY A 232 13.22 6.30 -4.70
C GLY A 232 13.11 6.59 -6.19
N THR A 233 12.58 5.64 -6.96
CA THR A 233 12.41 5.82 -8.41
C THR A 233 10.94 6.09 -8.76
N PRO A 234 10.68 6.77 -9.87
CA PRO A 234 9.31 6.93 -10.37
C PRO A 234 8.54 5.61 -10.46
N ALA A 235 9.24 4.55 -10.85
CA ALA A 235 8.68 3.20 -10.98
C ALA A 235 8.22 2.61 -9.65
N GLU A 236 8.94 2.95 -8.58
CA GLU A 236 8.53 2.54 -7.22
C GLU A 236 7.18 3.13 -6.83
N VAL A 237 6.92 4.39 -7.19
CA VAL A 237 5.63 5.01 -6.93
C VAL A 237 4.55 4.37 -7.82
N ALA A 238 4.83 4.23 -9.12
CA ALA A 238 3.89 3.62 -10.06
C ALA A 238 3.45 2.20 -9.65
N GLY A 239 4.36 1.44 -9.06
CA GLY A 239 4.00 0.12 -8.51
C GLY A 239 2.91 0.15 -7.46
N VAL A 240 2.91 1.20 -6.62
CA VAL A 240 1.87 1.38 -5.62
C VAL A 240 0.53 1.77 -6.24
N VAL A 241 0.55 2.71 -7.19
CA VAL A 241 -0.65 3.07 -7.94
C VAL A 241 -1.24 1.83 -8.63
N SER A 242 -0.37 1.00 -9.19
CA SER A 242 -0.81 -0.22 -9.88
C SER A 242 -1.60 -1.16 -8.95
N PHE A 243 -1.11 -1.30 -7.72
CA PHE A 243 -1.79 -2.08 -6.70
C PHE A 243 -3.14 -1.46 -6.30
N LEU A 244 -3.13 -0.15 -6.05
CA LEU A 244 -4.35 0.57 -5.68
C LEU A 244 -5.38 0.58 -6.80
N ALA A 245 -4.92 0.42 -8.03
CA ALA A 245 -5.79 0.32 -9.22
C ALA A 245 -6.26 -1.11 -9.51
N SER A 246 -5.62 -2.09 -8.89
CA SER A 246 -5.92 -3.50 -9.13
C SER A 246 -7.16 -4.02 -8.38
N GLU A 247 -7.51 -5.28 -8.63
CA GLU A 247 -8.60 -5.95 -7.96
C GLU A 247 -8.28 -6.39 -6.52
N ASP A 248 -7.06 -6.12 -6.07
CA ASP A 248 -6.61 -6.51 -4.75
C ASP A 248 -6.83 -5.44 -3.70
N ALA A 249 -7.14 -4.21 -4.14
CA ALA A 249 -7.23 -3.09 -3.22
C ALA A 249 -8.65 -2.67 -2.80
N SER A 250 -9.65 -3.50 -3.10
CA SER A 250 -11.08 -3.14 -2.96
C SER A 250 -11.55 -2.78 -1.54
N TYR A 251 -10.85 -3.29 -0.52
CA TYR A 251 -11.18 -3.02 0.88
C TYR A 251 -10.26 -1.99 1.54
N ILE A 252 -9.46 -1.30 0.74
CA ILE A 252 -8.67 -0.17 1.20
C ILE A 252 -9.36 1.10 0.73
N SER A 253 -9.74 1.95 1.68
CA SER A 253 -10.42 3.20 1.40
C SER A 253 -10.11 4.19 2.49
N GLY A 254 -9.76 5.41 2.09
CA GLY A 254 -9.41 6.46 3.05
C GLY A 254 -7.99 6.31 3.57
N ALA A 255 -7.18 5.49 2.90
CA ALA A 255 -5.79 5.25 3.32
C ALA A 255 -4.80 6.22 2.68
N VAL A 256 -3.71 6.47 3.41
CA VAL A 256 -2.55 7.20 2.91
C VAL A 256 -1.36 6.24 2.93
N ILE A 257 -0.89 5.84 1.75
CA ILE A 257 0.30 4.99 1.65
C ILE A 257 1.57 5.84 1.38
N PRO A 258 2.52 5.84 2.31
CA PRO A 258 3.76 6.59 2.12
C PRO A 258 4.78 5.76 1.34
N VAL A 259 5.38 6.36 0.32
CA VAL A 259 6.38 5.66 -0.48
C VAL A 259 7.66 6.49 -0.33
N ASP A 260 8.32 6.34 0.81
CA ASP A 260 9.34 7.28 1.23
C ASP A 260 10.57 6.67 1.90
N GLY A 261 10.75 5.36 1.74
CA GLY A 261 11.83 4.63 2.39
C GLY A 261 11.88 4.74 3.90
N GLY A 262 10.74 5.06 4.52
CA GLY A 262 10.65 5.23 5.96
C GLY A 262 10.62 6.67 6.44
N MET A 263 10.76 7.62 5.52
CA MET A 263 10.98 9.03 5.87
C MET A 263 9.91 9.70 6.75
N GLY A 264 8.64 9.47 6.43
CA GLY A 264 7.55 10.16 7.11
C GLY A 264 7.13 9.54 8.43
N MET A 265 7.87 8.54 8.89
CA MET A 265 7.61 7.86 10.16
C MET A 265 7.61 8.84 11.35
N ALA B 29 5.91 -1.03 -16.54
CA ALA B 29 7.35 -1.12 -16.15
C ALA B 29 7.56 -2.04 -14.95
N LYS B 30 6.82 -3.17 -14.94
CA LYS B 30 6.84 -4.11 -13.82
C LYS B 30 8.19 -4.82 -13.66
N PRO B 31 8.72 -4.80 -12.42
CA PRO B 31 9.91 -5.57 -12.08
C PRO B 31 9.67 -7.08 -12.11
N PRO B 32 10.61 -7.85 -12.66
CA PRO B 32 10.49 -9.31 -12.74
C PRO B 32 10.26 -9.98 -11.38
N PHE B 33 9.49 -11.06 -11.40
CA PHE B 33 9.16 -11.85 -10.22
C PHE B 33 10.41 -12.55 -9.65
N VAL B 34 10.50 -12.58 -8.33
CA VAL B 34 11.52 -13.33 -7.60
C VAL B 34 10.80 -14.26 -6.60
N SER B 35 11.04 -15.56 -6.69
CA SER B 35 10.45 -16.51 -5.76
C SER B 35 11.13 -16.45 -4.40
N ARG B 36 10.40 -16.00 -3.40
CA ARG B 36 10.95 -15.79 -2.06
C ARG B 36 10.68 -16.97 -1.14
N SER B 37 11.62 -17.21 -0.23
CA SER B 37 11.40 -18.08 0.92
C SER B 37 10.52 -17.33 1.94
N VAL B 38 9.29 -17.81 2.12
CA VAL B 38 8.28 -17.14 2.96
C VAL B 38 7.97 -17.96 4.21
N LEU B 39 7.91 -17.30 5.37
CA LEU B 39 7.34 -17.94 6.58
C LEU B 39 6.08 -17.17 7.00
N VAL B 40 4.95 -17.88 7.10
CA VAL B 40 3.72 -17.29 7.60
C VAL B 40 3.39 -17.93 8.95
N THR B 41 3.49 -17.15 10.04
CA THR B 41 3.10 -17.65 11.37
C THR B 41 1.57 -17.79 11.46
N GLY B 42 1.11 -18.85 12.11
CA GLY B 42 -0.31 -19.17 12.13
C GLY B 42 -0.95 -19.28 10.75
N GLY B 43 -0.22 -19.91 9.82
CA GLY B 43 -0.68 -20.00 8.43
C GLY B 43 -1.63 -21.14 8.11
N ASN B 44 -2.28 -21.69 9.14
CA ASN B 44 -3.16 -22.86 8.97
C ASN B 44 -4.66 -22.56 9.03
N ARG B 45 -5.02 -21.36 9.48
CA ARG B 45 -6.44 -21.01 9.54
C ARG B 45 -6.72 -19.52 9.36
N GLY B 46 -7.94 -19.22 8.93
CA GLY B 46 -8.43 -17.85 8.82
C GLY B 46 -7.61 -16.99 7.88
N ILE B 47 -7.30 -15.78 8.35
CA ILE B 47 -6.49 -14.82 7.58
C ILE B 47 -5.10 -15.39 7.24
N GLY B 48 -4.47 -16.05 8.21
CA GLY B 48 -3.18 -16.76 8.02
C GLY B 48 -3.17 -17.74 6.86
N LEU B 49 -4.19 -18.58 6.77
CA LEU B 49 -4.31 -19.56 5.68
C LEU B 49 -4.45 -18.92 4.29
N ALA B 50 -5.32 -17.91 4.20
CA ALA B 50 -5.53 -17.16 2.95
C ALA B 50 -4.25 -16.46 2.49
N ILE B 51 -3.47 -15.93 3.43
CA ILE B 51 -2.13 -15.37 3.13
C ILE B 51 -1.18 -16.43 2.58
N ALA B 52 -1.03 -17.54 3.30
CA ALA B 52 -0.15 -18.63 2.87
C ALA B 52 -0.53 -19.16 1.47
N GLN B 53 -1.83 -19.33 1.22
CA GLN B 53 -2.33 -19.82 -0.06
C GLN B 53 -2.12 -18.83 -1.20
N ARG B 54 -2.37 -17.54 -0.95
CA ARG B 54 -2.14 -16.51 -1.97
C ARG B 54 -0.66 -16.44 -2.36
N LEU B 55 0.22 -16.44 -1.35
CA LEU B 55 1.66 -16.34 -1.62
C LEU B 55 2.21 -17.54 -2.38
N ALA B 56 1.67 -18.73 -2.11
CA ALA B 56 2.04 -19.94 -2.82
C ALA B 56 1.59 -19.86 -4.27
N ALA B 57 0.39 -19.33 -4.52
CA ALA B 57 -0.15 -19.16 -5.89
C ALA B 57 0.60 -18.07 -6.67
N ASP B 58 1.09 -17.07 -5.95
CA ASP B 58 1.92 -16.00 -6.47
C ASP B 58 3.23 -16.55 -7.02
N GLY B 59 3.67 -17.68 -6.46
CA GLY B 59 4.89 -18.36 -6.89
C GLY B 59 6.04 -18.37 -5.90
N HIS B 60 5.75 -17.99 -4.66
CA HIS B 60 6.74 -18.04 -3.57
C HIS B 60 6.85 -19.44 -2.97
N LYS B 61 7.94 -19.68 -2.24
CA LYS B 61 8.15 -20.93 -1.51
C LYS B 61 7.65 -20.74 -0.07
N VAL B 62 6.47 -21.28 0.23
CA VAL B 62 5.73 -20.88 1.44
C VAL B 62 5.76 -21.93 2.56
N ALA B 63 6.28 -21.53 3.71
CA ALA B 63 6.21 -22.37 4.91
C ALA B 63 5.29 -21.69 5.92
N VAL B 64 4.65 -22.49 6.78
CA VAL B 64 3.82 -21.96 7.86
C VAL B 64 4.19 -22.52 9.24
N THR B 65 4.07 -21.72 10.28
CA THR B 65 4.02 -22.24 11.65
C THR B 65 2.55 -22.43 12.00
N HIS B 66 2.29 -23.32 12.96
CA HIS B 66 0.95 -23.62 13.44
C HIS B 66 0.98 -24.02 14.93
N ARG B 67 -0.18 -24.01 15.58
CA ARG B 67 -0.28 -24.32 17.01
C ARG B 67 -0.46 -25.81 17.30
N GLY B 68 -0.62 -26.63 16.25
CA GLY B 68 -0.68 -28.08 16.41
C GLY B 68 -1.74 -28.80 15.59
N SER B 69 -2.58 -28.03 14.89
CA SER B 69 -3.68 -28.60 14.11
C SER B 69 -3.25 -29.06 12.71
N GLY B 70 -2.04 -28.67 12.32
CA GLY B 70 -1.43 -29.14 11.08
C GLY B 70 -1.31 -28.04 10.05
N ALA B 71 -0.29 -28.16 9.18
CA ALA B 71 -0.11 -27.23 8.06
C ALA B 71 -1.15 -27.51 6.96
N PRO B 72 -1.37 -26.55 6.04
CA PRO B 72 -2.22 -26.81 4.86
C PRO B 72 -1.58 -27.80 3.88
N LYS B 73 -2.40 -28.67 3.29
CA LYS B 73 -1.96 -29.60 2.24
C LYS B 73 -0.94 -29.00 1.26
N GLY B 74 0.20 -29.69 1.12
CA GLY B 74 1.23 -29.28 0.17
C GLY B 74 2.29 -28.34 0.71
N LEU B 75 1.96 -27.59 1.76
CA LEU B 75 2.88 -26.60 2.32
C LEU B 75 3.63 -27.14 3.52
N PHE B 76 4.88 -26.69 3.65
CA PHE B 76 5.77 -27.14 4.71
C PHE B 76 5.38 -26.44 6.00
N GLY B 77 5.04 -27.22 7.02
CA GLY B 77 4.64 -26.66 8.31
C GLY B 77 5.54 -27.04 9.46
N VAL B 78 5.56 -26.19 10.49
CA VAL B 78 6.26 -26.50 11.74
C VAL B 78 5.42 -26.02 12.92
N GLU B 79 5.39 -26.79 14.01
CA GLU B 79 4.65 -26.38 15.19
C GLU B 79 5.43 -25.35 16.01
N VAL B 80 4.83 -24.19 16.24
CA VAL B 80 5.48 -23.13 17.02
C VAL B 80 4.52 -22.49 18.02
N ASP B 81 4.98 -22.42 19.26
CA ASP B 81 4.39 -21.52 20.25
C ASP B 81 5.28 -20.28 20.26
N VAL B 82 4.76 -19.16 19.76
CA VAL B 82 5.55 -17.92 19.66
C VAL B 82 5.91 -17.27 21.01
N THR B 83 5.45 -17.83 22.13
CA THR B 83 5.93 -17.41 23.45
C THR B 83 7.25 -18.12 23.80
N ASP B 84 7.67 -19.06 22.95
CA ASP B 84 8.82 -19.93 23.21
C ASP B 84 9.93 -19.59 22.20
N SER B 85 10.96 -18.88 22.66
CA SER B 85 12.05 -18.40 21.79
C SER B 85 12.83 -19.54 21.14
N ASP B 86 12.96 -20.65 21.87
CA ASP B 86 13.67 -21.85 21.39
C ASP B 86 12.88 -22.58 20.30
N ALA B 87 11.56 -22.62 20.44
CA ALA B 87 10.68 -23.18 19.41
C ALA B 87 10.67 -22.31 18.16
N VAL B 88 10.90 -21.00 18.34
CA VAL B 88 11.00 -20.07 17.22
C VAL B 88 12.27 -20.37 16.41
N ASP B 89 13.38 -20.50 17.13
CA ASP B 89 14.68 -20.80 16.56
C ASP B 89 14.67 -22.14 15.80
N ARG B 90 14.11 -23.18 16.40
CA ARG B 90 14.00 -24.49 15.75
C ARG B 90 13.20 -24.44 14.43
N ALA B 91 12.08 -23.73 14.46
CA ALA B 91 11.22 -23.62 13.30
C ALA B 91 11.95 -22.97 12.12
N PHE B 92 12.59 -21.84 12.39
CA PHE B 92 13.35 -21.12 11.38
C PHE B 92 14.45 -21.98 10.79
N THR B 93 15.10 -22.75 11.66
CA THR B 93 16.17 -23.68 11.27
C THR B 93 15.67 -24.75 10.31
N ALA B 94 14.54 -25.39 10.65
CA ALA B 94 13.92 -26.42 9.82
C ALA B 94 13.43 -25.89 8.46
N VAL B 95 13.01 -24.63 8.45
CA VAL B 95 12.57 -23.94 7.23
C VAL B 95 13.75 -23.60 6.33
N GLU B 96 14.85 -23.13 6.93
CA GLU B 96 16.11 -22.82 6.22
C GLU B 96 16.66 -24.04 5.45
N GLU B 97 16.64 -25.20 6.12
CA GLU B 97 16.98 -26.48 5.50
C GLU B 97 16.03 -26.85 4.36
N HIS B 98 14.73 -26.68 4.57
CA HIS B 98 13.72 -27.09 3.58
C HIS B 98 13.75 -26.27 2.29
N GLN B 99 13.79 -24.95 2.42
CA GLN B 99 13.53 -24.07 1.29
C GLN B 99 14.47 -22.86 1.21
N GLY B 100 15.38 -22.76 2.16
CA GLY B 100 16.33 -21.66 2.18
C GLY B 100 15.96 -20.61 3.21
N PRO B 101 16.96 -19.79 3.58
CA PRO B 101 16.77 -18.80 4.65
C PRO B 101 15.58 -17.89 4.37
N VAL B 102 14.76 -17.67 5.40
CA VAL B 102 13.55 -16.85 5.34
C VAL B 102 13.81 -15.42 4.85
N GLU B 103 13.16 -15.06 3.73
CA GLU B 103 13.32 -13.75 3.07
C GLU B 103 12.15 -12.81 3.37
N VAL B 104 10.95 -13.40 3.49
CA VAL B 104 9.75 -12.66 3.88
C VAL B 104 9.01 -13.35 5.03
N LEU B 105 8.85 -12.60 6.12
CA LEU B 105 8.14 -13.06 7.29
C LEU B 105 6.79 -12.36 7.41
N VAL B 106 5.73 -13.16 7.35
CA VAL B 106 4.38 -12.68 7.66
C VAL B 106 4.06 -13.11 9.09
N SER B 107 3.97 -12.12 9.98
CA SER B 107 3.70 -12.38 11.38
C SER B 107 2.23 -12.12 11.71
N ASN B 108 1.47 -13.21 11.85
CA ASN B 108 0.07 -13.19 12.29
C ASN B 108 -0.07 -13.28 13.80
N ALA B 109 -0.92 -12.43 14.36
CA ALA B 109 -1.17 -12.44 15.81
C ALA B 109 -1.70 -13.80 16.26
N GLY B 110 -1.08 -14.35 17.30
CA GLY B 110 -1.60 -15.57 17.95
C GLY B 110 -2.61 -15.18 19.00
N LEU B 111 -3.91 -15.23 18.67
CA LEU B 111 -5.00 -14.64 19.48
C LEU B 111 -4.92 -13.10 19.49
N MET B 120 -10.58 -7.80 33.19
CA MET B 120 -9.20 -7.77 32.72
C MET B 120 -8.24 -7.94 33.90
N THR B 121 -7.44 -9.00 33.85
CA THR B 121 -6.50 -9.33 34.92
C THR B 121 -5.06 -9.12 34.48
N GLU B 122 -4.14 -9.08 35.44
CA GLU B 122 -2.71 -9.08 35.16
C GLU B 122 -2.27 -10.32 34.38
N GLU B 123 -2.89 -11.46 34.69
CA GLU B 123 -2.59 -12.72 34.02
C GLU B 123 -2.99 -12.70 32.54
N LYS B 124 -4.22 -12.27 32.24
CA LYS B 124 -4.70 -12.20 30.86
C LYS B 124 -3.97 -11.13 30.04
N PHE B 125 -3.66 -9.99 30.68
CA PHE B 125 -2.91 -8.92 30.01
C PHE B 125 -1.55 -9.41 29.53
N GLU B 126 -0.76 -9.96 30.46
CA GLU B 126 0.59 -10.44 30.15
C GLU B 126 0.60 -11.57 29.11
N LYS B 127 -0.43 -12.41 29.15
CA LYS B 127 -0.59 -13.51 28.19
C LYS B 127 -0.69 -12.99 26.75
N VAL B 128 -1.65 -12.10 26.49
CA VAL B 128 -1.80 -11.47 25.15
C VAL B 128 -0.54 -10.69 24.70
N ILE B 129 0.08 -9.96 25.63
CA ILE B 129 1.32 -9.24 25.37
C ILE B 129 2.47 -10.20 24.97
N ASN B 130 2.59 -11.31 25.70
CA ASN B 130 3.57 -12.35 25.37
C ASN B 130 3.35 -12.97 23.97
N ALA B 131 2.11 -13.31 23.66
CA ALA B 131 1.80 -13.91 22.36
C ALA B 131 1.86 -12.92 21.18
N ASN B 132 1.21 -11.76 21.32
CA ASN B 132 1.03 -10.86 20.18
C ASN B 132 2.12 -9.81 20.03
N LEU B 133 2.67 -9.34 21.15
CA LEU B 133 3.74 -8.35 21.10
C LEU B 133 5.13 -8.97 21.17
N THR B 134 5.45 -9.63 22.28
CA THR B 134 6.74 -10.30 22.40
C THR B 134 6.92 -11.42 21.36
N GLY B 135 5.83 -12.12 21.03
CA GLY B 135 5.86 -13.15 19.98
C GLY B 135 6.30 -12.61 18.63
N ALA B 136 5.81 -11.42 18.28
CA ALA B 136 6.21 -10.74 17.05
C ALA B 136 7.69 -10.39 17.08
N PHE B 137 8.18 -9.92 18.23
CA PHE B 137 9.59 -9.62 18.43
C PHE B 137 10.46 -10.84 18.25
N ARG B 138 10.04 -11.97 18.81
CA ARG B 138 10.81 -13.21 18.75
C ARG B 138 11.01 -13.66 17.31
N VAL B 139 9.94 -13.68 16.51
CA VAL B 139 10.06 -14.06 15.11
C VAL B 139 10.83 -13.03 14.29
N ALA B 140 10.58 -11.75 14.55
CA ALA B 140 11.24 -10.65 13.85
C ALA B 140 12.75 -10.65 14.09
N GLN B 141 13.13 -10.93 15.32
CA GLN B 141 14.53 -11.01 15.73
C GLN B 141 15.26 -12.22 15.14
N ARG B 142 14.61 -13.38 15.18
CA ARG B 142 15.17 -14.61 14.61
C ARG B 142 15.32 -14.51 13.08
N ALA B 143 14.49 -13.67 12.46
CA ALA B 143 14.52 -13.49 11.01
C ALA B 143 15.58 -12.48 10.58
N SER B 144 15.94 -11.56 11.46
CA SER B 144 16.64 -10.33 11.02
C SER B 144 18.09 -10.52 10.62
N ARG B 145 18.84 -11.36 11.34
CA ARG B 145 20.24 -11.68 11.01
C ARG B 145 20.43 -12.00 9.53
N SER B 146 19.69 -13.00 9.05
CA SER B 146 19.81 -13.51 7.69
C SER B 146 19.34 -12.51 6.64
N MET B 147 18.35 -11.70 7.00
CA MET B 147 17.86 -10.66 6.10
C MET B 147 18.91 -9.56 5.90
N GLN B 148 19.54 -9.13 6.99
CA GLN B 148 20.58 -8.10 6.94
C GLN B 148 21.80 -8.62 6.20
N ARG B 149 22.25 -9.81 6.58
CA ARG B 149 23.37 -10.48 5.91
C ARG B 149 23.16 -10.60 4.39
N ASN B 150 21.97 -11.02 3.98
CA ASN B 150 21.67 -11.28 2.57
C ASN B 150 21.16 -10.05 1.82
N LYS B 151 21.07 -8.91 2.51
CA LYS B 151 20.59 -7.64 1.96
C LYS B 151 19.21 -7.70 1.26
N PHE B 152 18.35 -8.57 1.77
CA PHE B 152 16.93 -8.53 1.42
C PHE B 152 16.09 -9.04 2.59
N GLY B 153 15.01 -8.32 2.85
CA GLY B 153 14.04 -8.74 3.84
C GLY B 153 12.76 -7.94 3.75
N ARG B 154 11.64 -8.64 3.92
CA ARG B 154 10.34 -8.02 4.05
C ARG B 154 9.68 -8.61 5.29
N MET B 155 9.51 -7.80 6.32
CA MET B 155 8.73 -8.19 7.49
C MET B 155 7.34 -7.56 7.38
N ILE B 156 6.34 -8.41 7.45
CA ILE B 156 4.93 -8.03 7.34
C ILE B 156 4.17 -8.51 8.58
N PHE B 157 3.80 -7.58 9.45
CA PHE B 157 3.07 -7.90 10.68
C PHE B 157 1.57 -7.62 10.48
N ILE B 158 0.73 -8.63 10.68
CA ILE B 158 -0.70 -8.51 10.57
C ILE B 158 -1.23 -8.22 11.98
N ALA B 159 -1.80 -7.03 12.18
CA ALA B 159 -2.35 -6.67 13.49
C ALA B 159 -3.60 -7.50 13.73
N SER B 160 -4.01 -7.61 14.99
CA SER B 160 -5.26 -8.30 15.30
C SER B 160 -6.47 -7.53 14.77
N VAL B 161 -7.46 -8.30 14.29
CA VAL B 161 -8.78 -7.79 13.92
C VAL B 161 -9.46 -7.13 15.12
N GLN B 170 -10.34 -4.47 23.99
CA GLN B 170 -9.77 -4.75 25.31
C GLN B 170 -8.39 -4.10 25.43
N ALA B 171 -8.01 -3.74 26.66
CA ALA B 171 -6.74 -3.04 26.92
C ALA B 171 -5.52 -3.81 26.45
N ASN B 172 -5.55 -5.14 26.59
CA ASN B 172 -4.41 -5.97 26.14
C ASN B 172 -4.22 -6.04 24.64
N TYR B 173 -5.31 -6.19 23.89
CA TYR B 173 -5.24 -6.22 22.41
C TYR B 173 -4.86 -4.87 21.81
N ALA B 174 -5.43 -3.79 22.37
CA ALA B 174 -5.12 -2.42 21.95
C ALA B 174 -3.62 -2.10 22.12
N ALA B 175 -3.06 -2.54 23.25
CA ALA B 175 -1.66 -2.33 23.59
C ALA B 175 -0.70 -3.19 22.75
N SER B 176 -1.09 -4.45 22.50
CA SER B 176 -0.32 -5.38 21.67
C SER B 176 -0.25 -4.88 20.24
N LYS B 177 -1.41 -4.49 19.71
CA LYS B 177 -1.46 -4.01 18.34
C LYS B 177 -0.68 -2.71 18.19
N ALA B 178 -0.88 -1.76 19.09
CA ALA B 178 -0.13 -0.49 19.03
C ALA B 178 1.36 -0.73 19.25
N GLY B 179 1.69 -1.65 20.15
CA GLY B 179 3.07 -2.04 20.41
C GLY B 179 3.78 -2.65 19.22
N VAL B 180 3.05 -3.40 18.39
CA VAL B 180 3.59 -4.01 17.17
C VAL B 180 3.93 -2.96 16.09
N ILE B 181 3.03 -2.00 15.92
CA ILE B 181 3.27 -0.85 15.03
C ILE B 181 4.53 -0.06 15.44
N GLY B 182 4.65 0.29 16.71
CA GLY B 182 5.87 0.95 17.21
C GLY B 182 7.15 0.12 17.01
N MET B 183 7.03 -1.19 17.19
CA MET B 183 8.16 -2.11 17.00
C MET B 183 8.54 -2.22 15.54
N ALA B 184 7.52 -2.28 14.67
CA ALA B 184 7.71 -2.33 13.22
C ALA B 184 8.39 -1.07 12.72
N ARG B 185 7.93 0.10 13.18
CA ARG B 185 8.56 1.39 12.84
C ARG B 185 10.02 1.51 13.25
N SER B 186 10.33 0.96 14.44
CA SER B 186 11.69 0.86 14.97
C SER B 186 12.59 -0.06 14.12
N ILE B 187 12.10 -1.25 13.78
CA ILE B 187 12.81 -2.16 12.86
C ILE B 187 13.00 -1.51 11.48
N ALA B 188 11.98 -0.79 11.01
CA ALA B 188 12.06 -0.07 9.74
C ALA B 188 13.19 0.97 9.74
N ARG B 189 13.34 1.70 10.86
CA ARG B 189 14.38 2.71 11.02
C ARG B 189 15.78 2.09 11.01
N GLU B 190 15.96 1.01 11.77
CA GLU B 190 17.22 0.27 11.84
C GLU B 190 17.64 -0.43 10.53
N LEU B 191 16.72 -1.21 9.92
CA LEU B 191 17.15 -2.18 8.89
C LEU B 191 16.92 -1.82 7.42
N SER B 192 16.21 -0.72 7.17
CA SER B 192 15.88 -0.29 5.80
C SER B 192 17.11 0.02 4.92
N LYS B 193 18.21 0.43 5.54
CA LYS B 193 19.49 0.63 4.86
C LYS B 193 20.01 -0.68 4.22
N ALA B 194 19.66 -1.81 4.84
CA ALA B 194 20.09 -3.14 4.40
C ALA B 194 19.05 -3.79 3.47
N ASN B 195 18.12 -2.98 2.95
CA ASN B 195 17.03 -3.46 2.11
C ASN B 195 16.06 -4.41 2.87
N VAL B 196 15.87 -4.12 4.16
CA VAL B 196 15.01 -4.91 5.04
C VAL B 196 13.93 -3.99 5.61
N THR B 197 12.72 -4.14 5.06
CA THR B 197 11.59 -3.30 5.44
C THR B 197 10.70 -3.97 6.48
N ALA B 198 9.93 -3.15 7.19
CA ALA B 198 8.92 -3.65 8.12
C ALA B 198 7.68 -2.79 7.97
N ASN B 199 6.59 -3.45 7.64
CA ASN B 199 5.30 -2.80 7.44
C ASN B 199 4.20 -3.56 8.20
N VAL B 200 3.11 -2.87 8.50
CA VAL B 200 2.00 -3.46 9.21
C VAL B 200 0.74 -3.39 8.36
N VAL B 201 -0.01 -4.50 8.35
CA VAL B 201 -1.35 -4.54 7.81
C VAL B 201 -2.32 -4.54 8.97
N ALA B 202 -3.22 -3.55 8.97
CA ALA B 202 -4.27 -3.40 9.97
C ALA B 202 -5.64 -3.77 9.38
N PRO B 203 -6.07 -5.03 9.55
CA PRO B 203 -7.39 -5.46 9.07
C PRO B 203 -8.52 -4.89 9.94
N GLY B 204 -9.67 -4.62 9.33
CA GLY B 204 -10.84 -4.20 10.07
C GLY B 204 -11.67 -5.42 10.44
N TYR B 205 -12.98 -5.33 10.21
CA TYR B 205 -13.85 -6.48 10.36
C TYR B 205 -13.68 -7.40 9.15
N ILE B 206 -13.12 -8.57 9.39
CA ILE B 206 -12.94 -9.58 8.34
C ILE B 206 -13.72 -10.83 8.70
N ASP B 207 -14.44 -11.36 7.72
CA ASP B 207 -15.27 -12.55 7.93
C ASP B 207 -14.44 -13.84 8.00
N THR B 208 -14.10 -14.25 9.22
CA THR B 208 -13.39 -15.50 9.45
C THR B 208 -14.14 -16.42 10.44
N LEU B 223 -21.31 -2.56 11.38
CA LEU B 223 -21.27 -2.71 9.93
C LEU B 223 -21.79 -1.44 9.25
N GLN B 224 -22.74 -0.78 9.91
CA GLN B 224 -23.18 0.54 9.48
C GLN B 224 -22.07 1.57 9.73
N PHE B 225 -21.31 1.37 10.82
CA PHE B 225 -20.17 2.24 11.15
C PHE B 225 -18.93 1.96 10.31
N ILE B 226 -19.16 1.40 9.12
CA ILE B 226 -18.10 1.12 8.15
C ILE B 226 -18.53 1.76 6.83
N PRO B 227 -17.72 2.69 6.32
CA PRO B 227 -17.99 3.34 5.04
C PRO B 227 -18.36 2.36 3.91
N ALA B 228 -17.63 1.24 3.82
CA ALA B 228 -17.89 0.21 2.81
C ALA B 228 -19.22 -0.54 3.02
N LYS B 229 -19.76 -0.47 4.25
CA LYS B 229 -21.04 -1.08 4.63
C LYS B 229 -21.07 -2.60 4.47
N ARG B 230 -19.90 -3.22 4.54
CA ARG B 230 -19.74 -4.68 4.43
C ARG B 230 -18.48 -5.11 5.15
N VAL B 231 -18.40 -6.40 5.45
CA VAL B 231 -17.15 -6.98 5.98
C VAL B 231 -16.19 -7.29 4.83
N GLY B 232 -14.90 -7.39 5.15
CA GLY B 232 -13.88 -7.84 4.22
C GLY B 232 -13.72 -9.35 4.25
N THR B 233 -13.18 -9.90 3.16
CA THR B 233 -12.93 -11.33 3.02
C THR B 233 -11.52 -11.54 3.48
N PRO B 234 -11.15 -12.75 3.91
CA PRO B 234 -9.74 -13.02 4.19
C PRO B 234 -8.81 -12.80 2.97
N ALA B 235 -9.34 -12.93 1.75
CA ALA B 235 -8.58 -12.74 0.52
C ALA B 235 -8.20 -11.28 0.26
N GLU B 236 -9.06 -10.35 0.63
CA GLU B 236 -8.73 -8.92 0.51
C GLU B 236 -7.52 -8.53 1.36
N VAL B 237 -7.35 -9.20 2.50
CA VAL B 237 -6.17 -9.05 3.35
C VAL B 237 -4.92 -9.64 2.70
N ALA B 238 -5.06 -10.86 2.18
CA ALA B 238 -3.96 -11.59 1.55
C ALA B 238 -3.47 -10.89 0.29
N GLY B 239 -4.39 -10.22 -0.40
CA GLY B 239 -4.06 -9.37 -1.54
C GLY B 239 -3.06 -8.28 -1.22
N VAL B 240 -3.21 -7.65 -0.06
CA VAL B 240 -2.32 -6.58 0.39
C VAL B 240 -0.96 -7.14 0.84
N VAL B 241 -0.98 -8.34 1.43
CA VAL B 241 0.24 -9.01 1.85
C VAL B 241 1.03 -9.43 0.61
N SER B 242 0.32 -9.94 -0.40
CA SER B 242 0.95 -10.29 -1.67
C SER B 242 1.70 -9.09 -2.29
N PHE B 243 1.04 -7.93 -2.33
CA PHE B 243 1.68 -6.68 -2.75
C PHE B 243 2.89 -6.28 -1.87
N LEU B 244 2.74 -6.33 -0.56
CA LEU B 244 3.86 -6.05 0.36
C LEU B 244 5.05 -7.02 0.23
N ALA B 245 4.78 -8.23 -0.22
CA ALA B 245 5.82 -9.24 -0.39
C ALA B 245 6.48 -9.18 -1.78
N SER B 246 5.88 -8.39 -2.66
CA SER B 246 6.30 -8.29 -4.07
C SER B 246 7.42 -7.26 -4.29
N GLU B 247 7.96 -7.25 -5.51
CA GLU B 247 9.00 -6.32 -5.91
C GLU B 247 8.51 -4.88 -6.05
N ASP B 248 7.20 -4.68 -6.00
CA ASP B 248 6.61 -3.34 -6.12
C ASP B 248 6.63 -2.57 -4.82
N ALA B 249 6.95 -3.24 -3.71
CA ALA B 249 6.88 -2.60 -2.39
C ALA B 249 8.23 -2.17 -1.79
N SER B 250 9.30 -2.15 -2.60
CA SER B 250 10.68 -1.94 -2.10
C SER B 250 10.87 -0.63 -1.35
N TYR B 251 10.13 0.40 -1.74
CA TYR B 251 10.27 1.73 -1.13
C TYR B 251 9.20 2.05 -0.07
N ILE B 252 8.42 1.03 0.31
CA ILE B 252 7.48 1.17 1.44
C ILE B 252 8.12 0.52 2.67
N SER B 253 8.28 1.32 3.72
CA SER B 253 8.90 0.84 4.95
C SER B 253 8.39 1.65 6.15
N GLY B 254 7.95 0.96 7.20
CA GLY B 254 7.39 1.60 8.39
C GLY B 254 5.93 2.06 8.26
N ALA B 255 5.24 1.51 7.26
CA ALA B 255 3.85 1.89 6.97
C ALA B 255 2.83 0.98 7.66
N VAL B 256 1.68 1.58 7.98
CA VAL B 256 0.52 0.84 8.47
C VAL B 256 -0.56 0.96 7.40
N ILE B 257 -0.81 -0.15 6.70
CA ILE B 257 -1.85 -0.15 5.69
C ILE B 257 -3.14 -0.72 6.26
N PRO B 258 -4.15 0.13 6.43
CA PRO B 258 -5.45 -0.31 6.95
C PRO B 258 -6.27 -1.02 5.87
N VAL B 259 -6.85 -2.17 6.22
CA VAL B 259 -7.66 -2.96 5.29
C VAL B 259 -9.01 -3.17 5.98
N ASP B 260 -9.87 -2.15 5.89
CA ASP B 260 -11.01 -2.04 6.78
C ASP B 260 -12.24 -1.36 6.17
N GLY B 261 -12.21 -1.13 4.86
CA GLY B 261 -13.29 -0.46 4.15
C GLY B 261 -13.57 0.95 4.64
N GLY B 262 -12.54 1.61 5.16
CA GLY B 262 -12.67 2.96 5.67
C GLY B 262 -12.95 3.11 7.16
N MET B 263 -13.07 1.99 7.87
CA MET B 263 -13.45 2.01 9.29
C MET B 263 -12.60 2.91 10.20
N GLY B 264 -11.29 2.64 10.25
CA GLY B 264 -10.38 3.28 11.20
C GLY B 264 -9.91 4.68 10.84
N MET B 265 -10.55 5.29 9.84
CA MET B 265 -10.27 6.67 9.44
C MET B 265 -10.50 7.62 10.61
#